data_8T1Z
#
_entry.id   8T1Z
#
_cell.length_a   61.255
_cell.length_b   56.782
_cell.length_c   80.378
_cell.angle_alpha   90.000
_cell.angle_beta   96.070
_cell.angle_gamma   90.000
#
_symmetry.space_group_name_H-M   'P 1 21 1'
#
loop_
_entity.id
_entity.type
_entity.pdbx_description
1 polymer Sialidase
2 non-polymer 'N-acetyl-alpha-neuraminic acid'
3 non-polymer 'TRIETHYLENE GLYCOL'
4 non-polymer DI(HYDROXYETHYL)ETHER
5 non-polymer 'TETRAETHYLENE GLYCOL'
6 water water
#
_entity_poly.entity_id   1
_entity_poly.type   'polypeptide(L)'
_entity_poly.pdbx_seq_one_letter_code
;MRGSHHHHHHGSMQEVTMWGDSHGVAPNQVRRTLVKVALSESLPPGAKQIRIGFSLPKETEEKVTALYLLVSDSLAVRDL
PDYKGRVSYDSFPISKEDRTTALSADSVAGRRFFYLAADIGPVASFSRSDTLTARVEEVAVDGRPLPLKELSPASRRLYR
GYEALFVPGDGGSRNYRIPAILKTANGTLIAMADRRKYNQTDLPEDIDIVMRRSTDGGKSWSDPRIIVQGEGRNHGFGDV
ALVQTQAGKLLMIFVGGVGLWQSTPDRPQRTYISESRDEGLTWSPPRDITHFIFGKDCADPGRSRWLASFCASGQGLVLP
SGRITFVAAIRESGQEYVLNNYVLYSDDEGDTWQLSDCAYRRGDEAKLSLMPDGRVLMSIRNQGRQESRQRFFALSSDDG
LTWERAKQFEGIHDPGCNGAMLQVKRNGRDQVLHSLPLGPDGRRDGAVYLFDHVSGRWSAPVVVNSGSSAYSDMTLLADG
TIGYFVEEGDEISLVFIRFVLDDLFDVRQ
;
_entity_poly.pdbx_strand_id   A
#
# COMPACT_ATOMS: atom_id res chain seq x y z
N HIS A 5 20.11 10.66 -39.12
CA HIS A 5 18.82 11.31 -38.85
C HIS A 5 18.66 11.58 -37.37
N HIS A 6 17.50 11.19 -36.83
CA HIS A 6 17.39 10.99 -35.38
C HIS A 6 18.35 9.90 -34.91
N HIS A 7 18.49 8.82 -35.69
CA HIS A 7 19.49 7.78 -35.47
C HIS A 7 20.56 7.91 -36.53
N HIS A 8 21.75 8.34 -36.13
CA HIS A 8 22.86 8.55 -37.05
C HIS A 8 23.60 7.25 -37.38
N HIS A 9 24.39 7.29 -38.46
CA HIS A 9 25.23 6.15 -38.82
C HIS A 9 26.71 6.51 -38.91
N HIS A 10 27.27 7.03 -37.81
CA HIS A 10 28.72 7.21 -37.68
C HIS A 10 29.24 6.70 -36.34
N GLY A 11 28.53 5.75 -35.71
CA GLY A 11 29.00 5.19 -34.46
C GLY A 11 27.91 4.84 -33.46
N SER A 12 28.31 4.36 -32.28
CA SER A 12 27.37 3.95 -31.24
C SER A 12 26.99 5.15 -30.40
N MET A 13 25.69 5.46 -30.35
CA MET A 13 25.18 6.65 -29.68
C MET A 13 24.78 6.30 -28.24
N GLN A 14 25.70 6.53 -27.30
CA GLN A 14 25.40 6.39 -25.88
C GLN A 14 24.38 7.44 -25.44
N GLU A 15 23.38 7.01 -24.67
CA GLU A 15 22.34 7.90 -24.16
C GLU A 15 22.18 7.69 -22.68
N VAL A 16 22.11 8.78 -21.92
CA VAL A 16 22.03 8.73 -20.46
C VAL A 16 20.66 9.18 -20.02
N THR A 17 20.00 8.37 -19.19
N THR A 17 19.97 8.34 -19.25
CA THR A 17 18.68 8.67 -18.67
CA THR A 17 18.68 8.70 -18.68
C THR A 17 18.77 8.79 -17.16
C THR A 17 18.81 8.84 -17.16
N MET A 18 17.99 9.72 -16.61
CA MET A 18 18.19 10.24 -15.26
C MET A 18 16.84 10.50 -14.60
N TRP A 19 16.60 9.85 -13.45
N TRP A 19 16.59 9.84 -13.46
CA TRP A 19 15.36 10.00 -12.69
CA TRP A 19 15.36 10.00 -12.69
C TRP A 19 15.67 10.53 -11.30
C TRP A 19 15.68 10.53 -11.30
N GLY A 20 15.01 11.62 -10.93
CA GLY A 20 14.98 12.01 -9.53
C GLY A 20 14.00 11.13 -8.76
N ASP A 21 14.29 10.89 -7.49
CA ASP A 21 13.44 10.03 -6.67
C ASP A 21 12.42 10.82 -5.86
N SER A 22 11.23 10.22 -5.68
N SER A 22 11.23 10.23 -5.69
CA SER A 22 10.17 10.91 -4.97
CA SER A 22 10.16 10.91 -4.96
C SER A 22 9.49 10.02 -3.92
C SER A 22 9.49 10.02 -3.92
N HIS A 23 10.12 8.91 -3.53
CA HIS A 23 9.56 8.11 -2.45
C HIS A 23 9.74 8.85 -1.12
N GLY A 24 8.86 8.55 -0.16
CA GLY A 24 9.03 9.11 1.17
C GLY A 24 10.32 8.63 1.82
N VAL A 25 10.69 9.32 2.91
CA VAL A 25 11.87 8.95 3.68
C VAL A 25 11.59 9.25 5.15
N ALA A 26 12.42 8.69 6.03
CA ALA A 26 12.29 8.91 7.46
C ALA A 26 13.69 9.09 8.06
N PRO A 27 13.77 9.69 9.25
CA PRO A 27 15.10 9.96 9.82
C PRO A 27 15.91 8.69 10.04
N ASN A 28 17.23 8.84 9.97
CA ASN A 28 18.17 7.78 10.30
C ASN A 28 18.11 6.60 9.33
N GLN A 29 17.68 6.84 8.10
N GLN A 29 17.66 6.83 8.11
CA GLN A 29 17.65 5.79 7.10
CA GLN A 29 17.65 5.80 7.09
C GLN A 29 18.93 5.84 6.25
C GLN A 29 18.95 5.84 6.27
N VAL A 30 19.40 4.67 5.83
CA VAL A 30 20.70 4.55 5.15
C VAL A 30 20.52 4.33 3.65
N ARG A 31 21.46 4.89 2.88
N ARG A 31 21.47 4.88 2.89
CA ARG A 31 21.58 4.62 1.44
CA ARG A 31 21.60 4.69 1.44
C ARG A 31 20.26 4.83 0.71
C ARG A 31 20.25 4.82 0.74
N ARG A 32 19.66 6.00 0.91
CA ARG A 32 18.43 6.37 0.25
C ARG A 32 18.74 7.02 -1.10
N THR A 33 18.11 6.54 -2.16
CA THR A 33 18.37 7.09 -3.49
C THR A 33 17.76 8.49 -3.62
N LEU A 34 18.57 9.40 -4.14
CA LEU A 34 18.11 10.74 -4.50
C LEU A 34 17.93 10.85 -5.99
N VAL A 35 18.90 10.38 -6.76
CA VAL A 35 18.85 10.38 -8.22
C VAL A 35 19.42 9.06 -8.73
N LYS A 36 18.80 8.50 -9.75
CA LYS A 36 19.31 7.32 -10.41
C LYS A 36 19.66 7.69 -11.84
N VAL A 37 20.75 7.11 -12.34
CA VAL A 37 21.28 7.41 -13.66
C VAL A 37 21.57 6.09 -14.36
N ALA A 38 21.07 5.94 -15.58
CA ALA A 38 21.23 4.72 -16.35
C ALA A 38 21.90 5.05 -17.68
N LEU A 39 22.97 4.33 -17.98
CA LEU A 39 23.53 4.31 -19.32
C LEU A 39 22.77 3.31 -20.18
N SER A 40 22.61 3.64 -21.46
CA SER A 40 21.95 2.72 -22.36
C SER A 40 22.88 1.57 -22.76
N GLU A 41 24.19 1.78 -22.73
CA GLU A 41 25.15 0.75 -23.02
C GLU A 41 26.26 0.80 -21.97
N SER A 42 26.97 -0.32 -21.84
CA SER A 42 28.17 -0.37 -21.01
C SER A 42 29.20 0.66 -21.50
N LEU A 43 30.02 1.15 -20.57
CA LEU A 43 31.17 1.94 -20.97
C LEU A 43 32.00 1.16 -21.98
N PRO A 44 32.42 1.77 -23.09
CA PRO A 44 33.17 1.02 -24.09
C PRO A 44 34.52 0.55 -23.56
N PRO A 45 35.05 -0.56 -24.07
N PRO A 45 35.09 -0.52 -24.10
CA PRO A 45 36.47 -0.84 -23.86
CA PRO A 45 36.33 -1.07 -23.52
C PRO A 45 37.27 0.34 -24.37
C PRO A 45 37.48 -0.08 -23.42
N GLY A 46 38.32 0.68 -23.63
N GLY A 46 37.52 0.96 -24.26
CA GLY A 46 39.02 1.90 -23.85
CA GLY A 46 38.62 1.93 -24.20
C GLY A 46 38.54 3.07 -23.02
C GLY A 46 38.47 3.00 -23.13
N ALA A 47 37.35 3.00 -22.44
CA ALA A 47 36.98 4.05 -21.49
C ALA A 47 37.76 3.85 -20.19
N LYS A 48 38.13 4.95 -19.54
CA LYS A 48 38.93 4.87 -18.33
C LYS A 48 38.23 5.35 -17.07
N GLN A 49 37.31 6.31 -17.19
CA GLN A 49 36.63 6.78 -15.99
C GLN A 49 35.30 7.41 -16.36
N ILE A 50 34.38 7.40 -15.41
CA ILE A 50 33.13 8.13 -15.49
C ILE A 50 33.11 9.12 -14.34
N ARG A 51 32.76 10.37 -14.63
CA ARG A 51 32.65 11.40 -13.59
C ARG A 51 31.21 11.90 -13.54
N ILE A 52 30.69 12.02 -12.33
CA ILE A 52 29.32 12.47 -12.12
C ILE A 52 29.34 13.71 -11.24
N GLY A 53 28.82 14.81 -11.78
CA GLY A 53 28.67 16.04 -11.03
C GLY A 53 27.21 16.20 -10.62
N PHE A 54 26.98 16.78 -9.44
CA PHE A 54 25.64 16.88 -8.91
C PHE A 54 25.50 18.13 -8.06
N SER A 55 24.26 18.60 -7.93
CA SER A 55 23.94 19.68 -7.00
C SER A 55 23.07 19.16 -5.88
N LEU A 56 23.03 19.91 -4.81
CA LEU A 56 22.33 19.49 -3.62
C LEU A 56 22.18 20.72 -2.72
N PRO A 57 20.97 21.21 -2.50
CA PRO A 57 20.82 22.43 -1.71
C PRO A 57 21.21 22.22 -0.25
N LYS A 58 21.43 23.36 0.42
CA LYS A 58 21.94 23.33 1.80
C LYS A 58 20.94 22.69 2.76
N GLU A 59 19.64 22.92 2.53
CA GLU A 59 18.62 22.36 3.40
C GLU A 59 18.58 20.84 3.31
N THR A 60 18.87 20.30 2.13
CA THR A 60 19.07 18.85 2.03
C THR A 60 20.40 18.45 2.65
N GLU A 61 21.46 19.19 2.36
CA GLU A 61 22.75 18.83 2.91
C GLU A 61 22.72 18.83 4.43
N GLU A 62 21.99 19.77 5.04
CA GLU A 62 21.83 19.82 6.49
C GLU A 62 21.15 18.59 7.06
N LYS A 63 20.40 17.84 6.25
CA LYS A 63 19.58 16.72 6.71
C LYS A 63 20.18 15.36 6.38
N VAL A 64 21.35 15.31 5.75
CA VAL A 64 22.03 14.05 5.46
C VAL A 64 23.36 14.04 6.20
N THR A 65 23.82 12.84 6.55
CA THR A 65 25.10 12.64 7.21
C THR A 65 26.19 12.12 6.30
N ALA A 66 25.83 11.55 5.15
CA ALA A 66 26.81 11.03 4.21
C ALA A 66 26.15 10.87 2.86
N LEU A 67 26.97 10.85 1.82
CA LEU A 67 26.54 10.64 0.45
C LEU A 67 27.29 9.45 -0.12
N TYR A 68 26.72 8.82 -1.15
CA TYR A 68 27.32 7.66 -1.79
C TYR A 68 26.99 7.69 -3.28
N LEU A 69 27.90 7.12 -4.08
CA LEU A 69 27.60 6.62 -5.41
C LEU A 69 27.43 5.11 -5.30
N LEU A 70 26.26 4.60 -5.68
CA LEU A 70 26.03 3.18 -5.72
C LEU A 70 26.03 2.73 -7.17
N VAL A 71 26.64 1.58 -7.44
CA VAL A 71 26.73 1.05 -8.79
C VAL A 71 26.15 -0.35 -8.78
N SER A 72 25.24 -0.62 -9.71
CA SER A 72 24.59 -1.92 -9.76
C SER A 72 24.42 -2.33 -11.21
N ASP A 73 24.35 -3.65 -11.44
CA ASP A 73 23.96 -4.18 -12.74
C ASP A 73 22.45 -4.22 -12.93
N SER A 74 21.66 -4.04 -11.87
CA SER A 74 20.21 -4.00 -11.94
C SER A 74 19.71 -2.58 -11.82
N LEU A 75 18.65 -2.25 -12.56
CA LEU A 75 17.92 -1.00 -12.39
C LEU A 75 16.75 -1.23 -11.45
N ALA A 76 16.84 -0.69 -10.23
CA ALA A 76 15.85 -0.93 -9.19
C ALA A 76 14.87 0.23 -9.08
N VAL A 77 13.64 -0.08 -8.64
CA VAL A 77 12.64 0.96 -8.40
C VAL A 77 12.81 1.57 -7.02
N ARG A 78 12.92 0.74 -5.99
CA ARG A 78 13.05 1.17 -4.60
C ARG A 78 14.50 1.44 -4.21
N ASP A 79 14.70 1.92 -3.00
CA ASP A 79 16.05 2.05 -2.46
C ASP A 79 16.73 0.68 -2.46
N LEU A 80 18.01 0.65 -2.83
CA LEU A 80 18.69 -0.63 -2.99
C LEU A 80 18.66 -1.50 -1.73
N PRO A 81 18.77 -0.98 -0.50
CA PRO A 81 18.65 -1.90 0.65
C PRO A 81 17.26 -2.48 0.82
N ASP A 82 16.23 -1.89 0.20
CA ASP A 82 14.89 -2.48 0.26
C ASP A 82 14.85 -3.88 -0.33
N TYR A 83 15.80 -4.23 -1.20
CA TYR A 83 15.87 -5.54 -1.84
C TYR A 83 16.73 -6.52 -1.07
N LYS A 84 17.31 -6.11 0.06
CA LYS A 84 17.89 -7.04 1.04
C LYS A 84 18.99 -7.91 0.41
N GLY A 85 19.77 -7.32 -0.50
CA GLY A 85 20.84 -8.06 -1.14
C GLY A 85 20.45 -8.75 -2.43
N ARG A 86 19.16 -8.82 -2.77
CA ARG A 86 18.77 -9.38 -4.05
C ARG A 86 19.22 -8.51 -5.21
N VAL A 87 19.51 -7.24 -4.96
CA VAL A 87 20.15 -6.38 -5.93
C VAL A 87 21.56 -6.15 -5.42
N SER A 88 22.55 -6.74 -6.10
CA SER A 88 23.93 -6.51 -5.72
C SER A 88 24.41 -5.16 -6.24
N TYR A 89 25.09 -4.43 -5.38
CA TYR A 89 25.59 -3.10 -5.72
C TYR A 89 26.87 -2.84 -4.94
N ASP A 90 27.71 -1.98 -5.49
CA ASP A 90 28.86 -1.47 -4.76
C ASP A 90 28.57 -0.05 -4.30
N SER A 91 29.19 0.33 -3.19
CA SER A 91 28.90 1.60 -2.54
C SER A 91 30.18 2.41 -2.45
N PHE A 92 30.18 3.59 -3.04
CA PHE A 92 31.38 4.43 -3.07
C PHE A 92 31.12 5.73 -2.32
N PRO A 93 31.72 5.92 -1.14
CA PRO A 93 31.40 7.08 -0.30
C PRO A 93 31.80 8.41 -0.94
N ILE A 94 31.03 9.45 -0.62
CA ILE A 94 31.33 10.81 -1.03
C ILE A 94 31.20 11.71 0.21
N SER A 95 32.13 12.64 0.37
CA SER A 95 31.98 13.62 1.45
C SER A 95 30.78 14.51 1.19
N LYS A 96 30.00 14.78 2.24
CA LYS A 96 28.73 15.49 2.07
C LYS A 96 28.91 16.89 1.50
N GLU A 97 30.11 17.45 1.58
CA GLU A 97 30.40 18.76 1.02
C GLU A 97 30.78 18.68 -0.46
N ASP A 98 31.09 17.49 -0.98
CA ASP A 98 31.54 17.32 -2.35
C ASP A 98 30.36 17.34 -3.34
N ARG A 99 30.64 17.84 -4.55
CA ARG A 99 29.64 17.93 -5.60
C ARG A 99 30.09 17.25 -6.89
N THR A 100 31.15 16.46 -6.84
CA THR A 100 31.57 15.64 -7.98
C THR A 100 32.13 14.34 -7.44
N THR A 101 32.24 13.35 -8.34
CA THR A 101 32.82 12.08 -7.96
C THR A 101 33.15 11.32 -9.23
N ALA A 102 34.16 10.46 -9.16
CA ALA A 102 34.65 9.73 -10.31
C ALA A 102 34.91 8.28 -9.96
N LEU A 103 34.81 7.43 -10.96
CA LEU A 103 35.02 6.00 -10.82
C LEU A 103 35.81 5.47 -12.02
N SER A 104 36.78 4.60 -11.78
CA SER A 104 37.42 3.91 -12.89
C SER A 104 36.43 3.00 -13.61
N ALA A 105 36.61 2.83 -14.93
CA ALA A 105 35.73 1.93 -15.66
C ALA A 105 35.90 0.48 -15.19
N ASP A 106 37.08 0.16 -14.62
CA ASP A 106 37.30 -1.17 -14.04
C ASP A 106 36.44 -1.38 -12.81
N SER A 107 36.39 -0.38 -11.92
CA SER A 107 35.46 -0.42 -10.80
C SER A 107 34.03 -0.61 -11.26
N VAL A 108 33.62 0.11 -12.31
CA VAL A 108 32.24 0.02 -12.78
C VAL A 108 31.97 -1.38 -13.34
N ALA A 109 32.96 -1.99 -13.99
CA ALA A 109 32.94 -3.40 -14.39
C ALA A 109 31.75 -3.75 -15.30
N GLY A 110 31.50 -2.91 -16.30
CA GLY A 110 30.48 -3.19 -17.29
C GLY A 110 29.06 -2.77 -16.91
N ARG A 111 28.84 -2.32 -15.69
CA ARG A 111 27.50 -2.00 -15.20
C ARG A 111 27.04 -0.62 -15.66
N ARG A 112 25.70 -0.44 -15.72
CA ARG A 112 25.10 0.74 -16.34
C ARG A 112 24.30 1.63 -15.40
N PHE A 113 24.07 1.23 -14.15
CA PHE A 113 23.10 1.90 -13.29
C PHE A 113 23.80 2.53 -12.10
N PHE A 114 23.60 3.85 -11.94
CA PHE A 114 24.29 4.64 -10.93
C PHE A 114 23.26 5.38 -10.08
N TYR A 115 23.49 5.41 -8.77
CA TYR A 115 22.57 5.96 -7.79
C TYR A 115 23.32 6.92 -6.89
N LEU A 116 22.86 8.17 -6.82
CA LEU A 116 23.28 9.11 -5.79
C LEU A 116 22.42 8.86 -4.56
N ALA A 117 23.02 8.35 -3.49
CA ALA A 117 22.28 7.99 -2.29
C ALA A 117 22.85 8.72 -1.09
N ALA A 118 22.08 8.72 0.00
CA ALA A 118 22.43 9.47 1.20
C ALA A 118 21.96 8.73 2.44
N ASP A 119 22.68 8.97 3.54
CA ASP A 119 22.24 8.59 4.87
C ASP A 119 21.51 9.79 5.47
N ILE A 120 20.31 9.58 6.00
CA ILE A 120 19.51 10.68 6.54
C ILE A 120 19.79 10.78 8.03
N GLY A 121 20.03 12.00 8.51
CA GLY A 121 20.29 12.23 9.92
C GLY A 121 19.03 12.15 10.76
N PRO A 122 19.10 12.69 11.99
CA PRO A 122 17.93 12.64 12.87
C PRO A 122 17.09 13.92 12.84
N VAL A 123 16.49 14.18 11.68
CA VAL A 123 15.70 15.38 11.38
C VAL A 123 14.69 15.69 12.48
N ALA A 124 14.36 16.98 12.64
CA ALA A 124 13.45 17.43 13.69
C ALA A 124 12.08 17.86 13.19
N SER A 125 11.97 18.41 11.98
CA SER A 125 10.71 18.94 11.48
C SER A 125 10.23 18.13 10.28
N PHE A 126 8.90 17.99 10.18
CA PHE A 126 8.29 17.10 9.20
C PHE A 126 7.23 17.79 8.36
N SER A 127 7.23 19.11 8.30
CA SER A 127 6.22 19.84 7.54
C SER A 127 6.27 19.46 6.06
N ARG A 128 5.22 19.88 5.33
CA ARG A 128 5.13 19.59 3.89
C ARG A 128 6.34 20.14 3.14
N SER A 129 6.93 21.22 3.62
CA SER A 129 8.11 21.82 2.99
C SER A 129 9.37 20.99 3.18
N ASP A 130 9.39 20.06 4.14
CA ASP A 130 10.62 19.34 4.49
C ASP A 130 10.79 18.16 3.54
N THR A 131 11.45 18.42 2.41
CA THR A 131 11.72 17.39 1.43
C THR A 131 13.18 17.45 0.98
N LEU A 132 13.74 16.29 0.68
CA LEU A 132 15.13 16.21 0.23
C LEU A 132 15.18 16.23 -1.29
N THR A 133 16.17 16.91 -1.84
CA THR A 133 16.29 16.93 -3.29
C THR A 133 17.77 16.96 -3.66
N ALA A 134 18.04 16.47 -4.86
CA ALA A 134 19.35 16.58 -5.49
C ALA A 134 19.15 16.53 -6.99
N ARG A 135 20.16 16.98 -7.73
CA ARG A 135 20.14 16.96 -9.19
C ARG A 135 21.50 16.54 -9.70
N VAL A 136 21.54 15.64 -10.68
CA VAL A 136 22.76 15.32 -11.37
C VAL A 136 22.95 16.32 -12.51
N GLU A 137 24.09 17.00 -12.53
CA GLU A 137 24.33 18.07 -13.49
C GLU A 137 25.24 17.67 -14.63
N GLU A 138 26.07 16.64 -14.44
CA GLU A 138 27.03 16.28 -15.47
C GLU A 138 27.33 14.80 -15.32
N VAL A 139 27.44 14.12 -16.45
CA VAL A 139 28.02 12.79 -16.54
C VAL A 139 29.00 12.86 -17.69
N ALA A 140 30.27 12.55 -17.41
CA ALA A 140 31.30 12.60 -18.43
C ALA A 140 32.10 11.32 -18.40
N VAL A 141 32.38 10.77 -19.59
CA VAL A 141 33.24 9.60 -19.74
C VAL A 141 34.51 10.04 -20.44
N ASP A 142 35.65 9.86 -19.76
CA ASP A 142 36.94 10.30 -20.27
C ASP A 142 36.95 11.82 -20.49
N GLY A 143 36.33 12.55 -19.57
CA GLY A 143 36.29 14.00 -19.66
C GLY A 143 35.34 14.57 -20.68
N ARG A 144 34.52 13.74 -21.36
CA ARG A 144 33.57 14.22 -22.36
C ARG A 144 32.14 14.14 -21.83
N PRO A 145 31.44 15.26 -21.68
CA PRO A 145 30.07 15.20 -21.15
C PRO A 145 29.10 14.51 -22.09
N LEU A 146 28.08 13.89 -21.50
CA LEU A 146 26.96 13.30 -22.26
C LEU A 146 25.69 14.09 -22.03
N PRO A 147 24.78 14.13 -23.01
CA PRO A 147 23.48 14.77 -22.77
C PRO A 147 22.66 13.93 -21.80
N LEU A 148 21.99 14.61 -20.88
CA LEU A 148 21.19 13.94 -19.85
C LEU A 148 19.72 14.13 -20.16
N LYS A 149 19.00 13.02 -20.27
CA LYS A 149 17.54 13.04 -20.37
C LYS A 149 16.97 12.95 -18.96
N GLU A 150 16.44 14.06 -18.47
CA GLU A 150 15.86 14.10 -17.12
C GLU A 150 14.37 13.79 -17.18
N LEU A 151 13.94 12.80 -16.42
CA LEU A 151 12.59 12.27 -16.53
C LEU A 151 11.70 12.59 -15.34
N SER A 152 12.25 13.06 -14.20
CA SER A 152 11.47 13.52 -13.05
C SER A 152 12.35 14.24 -12.05
N PRO A 153 11.80 15.19 -11.30
CA PRO A 153 12.57 15.83 -10.24
C PRO A 153 12.68 14.92 -9.03
N ALA A 154 13.68 15.19 -8.19
CA ALA A 154 13.78 14.52 -6.90
C ALA A 154 13.04 15.32 -5.83
N SER A 155 12.19 14.65 -5.05
CA SER A 155 11.50 15.31 -3.95
C SER A 155 11.03 14.20 -3.02
N ARG A 156 11.80 13.94 -1.97
CA ARG A 156 11.52 12.89 -1.00
C ARG A 156 11.03 13.56 0.29
N ARG A 157 9.75 13.38 0.63
CA ARG A 157 9.20 14.00 1.82
C ARG A 157 9.61 13.24 3.07
N LEU A 158 10.04 13.99 4.09
CA LEU A 158 10.32 13.41 5.40
C LEU A 158 9.02 13.11 6.13
N TYR A 159 8.87 11.86 6.57
CA TYR A 159 7.78 11.45 7.43
C TYR A 159 8.33 10.99 8.76
N ARG A 160 7.46 10.88 9.75
CA ARG A 160 7.92 10.40 11.05
C ARG A 160 8.30 8.94 10.98
N GLY A 161 7.65 8.18 10.11
CA GLY A 161 8.09 6.83 9.78
C GLY A 161 7.77 6.52 8.33
N TYR A 162 8.58 5.66 7.74
CA TYR A 162 8.38 5.26 6.34
C TYR A 162 9.16 3.97 6.10
N GLU A 163 8.44 2.88 5.87
CA GLU A 163 9.16 1.63 5.67
C GLU A 163 8.40 0.73 4.70
N ALA A 164 9.11 0.23 3.71
CA ALA A 164 8.55 -0.77 2.81
C ALA A 164 8.57 -2.12 3.53
N LEU A 165 7.38 -2.63 3.87
CA LEU A 165 7.29 -3.88 4.62
C LEU A 165 7.30 -5.12 3.74
N PHE A 166 6.82 -5.00 2.49
CA PHE A 166 6.81 -6.13 1.55
C PHE A 166 7.21 -5.60 0.20
N VAL A 167 8.31 -6.13 -0.35
CA VAL A 167 8.94 -5.65 -1.58
C VAL A 167 9.02 -6.82 -2.57
N PRO A 168 8.73 -6.62 -3.86
CA PRO A 168 8.84 -7.72 -4.81
C PRO A 168 10.17 -8.45 -4.68
N GLY A 169 10.11 -9.77 -4.55
CA GLY A 169 11.29 -10.60 -4.34
C GLY A 169 11.42 -11.15 -2.93
N ASP A 170 10.87 -10.43 -1.92
CA ASP A 170 11.02 -10.83 -0.52
C ASP A 170 10.59 -12.27 -0.30
N GLY A 171 11.47 -13.05 0.31
CA GLY A 171 11.13 -14.40 0.66
C GLY A 171 10.92 -15.31 -0.52
N GLY A 172 11.25 -14.85 -1.72
CA GLY A 172 11.04 -15.65 -2.92
C GLY A 172 9.72 -15.39 -3.64
N SER A 173 8.83 -14.58 -3.05
CA SER A 173 7.60 -14.17 -3.72
C SER A 173 7.93 -13.10 -4.76
N ARG A 174 7.39 -13.26 -5.97
N ARG A 174 7.37 -13.27 -5.97
CA ARG A 174 7.67 -12.28 -7.01
CA ARG A 174 7.65 -12.28 -7.02
C ARG A 174 7.00 -10.94 -6.69
C ARG A 174 7.00 -10.94 -6.69
N ASN A 175 5.80 -10.98 -6.12
CA ASN A 175 4.98 -9.79 -5.95
C ASN A 175 4.22 -9.82 -4.62
N TYR A 176 3.62 -8.66 -4.30
CA TYR A 176 2.82 -8.48 -3.10
C TYR A 176 1.70 -7.50 -3.40
N ARG A 177 0.57 -7.67 -2.73
CA ARG A 177 -0.58 -6.82 -2.96
C ARG A 177 -1.49 -6.96 -1.75
N ILE A 178 -2.43 -6.03 -1.63
CA ILE A 178 -3.61 -6.11 -0.74
C ILE A 178 -3.24 -5.91 0.74
N PRO A 179 -2.92 -4.69 1.14
CA PRO A 179 -2.47 -4.43 2.52
C PRO A 179 -3.58 -4.45 3.58
N ALA A 180 -3.27 -5.03 4.73
CA ALA A 180 -4.15 -4.99 5.91
C ALA A 180 -3.32 -4.64 7.15
N ILE A 181 -3.78 -3.67 7.93
CA ILE A 181 -3.05 -3.24 9.13
C ILE A 181 -4.00 -3.30 10.32
N LEU A 182 -3.47 -3.67 11.48
CA LEU A 182 -4.28 -3.69 12.70
C LEU A 182 -3.42 -3.30 13.88
N LYS A 183 -3.91 -2.37 14.69
CA LYS A 183 -3.33 -2.08 16.00
C LYS A 183 -4.19 -2.74 17.08
N THR A 184 -3.57 -3.56 17.92
CA THR A 184 -4.29 -4.17 19.02
C THR A 184 -4.32 -3.25 20.23
N ALA A 185 -5.15 -3.60 21.20
CA ALA A 185 -5.30 -2.80 22.42
C ALA A 185 -3.98 -2.69 23.18
N ASN A 186 -3.19 -3.77 23.21
CA ASN A 186 -1.90 -3.75 23.87
C ASN A 186 -0.83 -3.05 23.03
N GLY A 187 -1.19 -2.47 21.89
CA GLY A 187 -0.27 -1.70 21.08
C GLY A 187 0.44 -2.45 19.97
N THR A 188 0.25 -3.77 19.85
CA THR A 188 0.90 -4.53 18.78
C THR A 188 0.38 -4.10 17.42
N LEU A 189 1.25 -4.13 16.42
CA LEU A 189 0.85 -3.85 15.04
C LEU A 189 0.95 -5.13 14.24
N ILE A 190 -0.12 -5.48 13.51
CA ILE A 190 -0.17 -6.64 12.62
C ILE A 190 -0.35 -6.13 11.19
N ALA A 191 0.59 -6.46 10.31
CA ALA A 191 0.51 -6.10 8.90
C ALA A 191 0.41 -7.38 8.07
N MET A 192 -0.63 -7.49 7.26
CA MET A 192 -0.75 -8.69 6.43
C MET A 192 -0.89 -8.28 4.97
N ALA A 193 -0.83 -9.27 4.09
CA ALA A 193 -0.68 -9.00 2.66
C ALA A 193 -0.98 -10.26 1.86
N ASP A 194 -1.33 -10.06 0.58
CA ASP A 194 -1.24 -11.17 -0.35
C ASP A 194 0.22 -11.36 -0.72
N ARG A 195 0.71 -12.59 -0.53
CA ARG A 195 2.00 -13.01 -1.07
C ARG A 195 1.72 -13.54 -2.47
N ARG A 196 1.83 -12.66 -3.47
CA ARG A 196 1.49 -13.02 -4.85
C ARG A 196 2.73 -13.65 -5.50
N LYS A 197 2.90 -14.97 -5.31
CA LYS A 197 4.21 -15.64 -5.47
C LYS A 197 4.73 -15.60 -6.90
N TYR A 198 3.86 -15.75 -7.91
CA TYR A 198 4.31 -15.90 -9.29
C TYR A 198 4.08 -14.68 -10.17
N ASN A 199 3.18 -13.77 -9.78
CA ASN A 199 2.85 -12.58 -10.56
C ASN A 199 1.84 -11.78 -9.78
N GLN A 200 1.39 -10.64 -10.29
CA GLN A 200 0.55 -9.73 -9.52
C GLN A 200 -0.96 -9.98 -9.68
N THR A 201 -1.40 -11.06 -10.32
CA THR A 201 -2.83 -11.21 -10.61
C THR A 201 -3.60 -11.76 -9.41
N ASP A 202 -4.93 -11.54 -9.44
CA ASP A 202 -5.83 -11.94 -8.36
C ASP A 202 -6.06 -13.46 -8.38
N LEU A 203 -6.74 -13.96 -7.36
CA LEU A 203 -7.34 -15.28 -7.43
C LEU A 203 -8.11 -15.40 -8.75
N PRO A 204 -8.06 -16.55 -9.44
CA PRO A 204 -7.67 -17.90 -8.99
C PRO A 204 -6.19 -18.25 -9.10
N GLU A 205 -5.31 -17.27 -9.26
CA GLU A 205 -3.88 -17.55 -9.18
C GLU A 205 -3.53 -18.07 -7.78
N ASP A 206 -2.40 -18.76 -7.72
CA ASP A 206 -1.85 -19.37 -6.50
C ASP A 206 -1.22 -18.27 -5.65
N ILE A 207 -1.82 -18.00 -4.48
CA ILE A 207 -1.46 -16.87 -3.60
C ILE A 207 -1.44 -17.36 -2.16
N ASP A 208 -0.53 -16.80 -1.36
CA ASP A 208 -0.45 -17.03 0.09
C ASP A 208 -0.86 -15.76 0.85
N ILE A 209 -1.22 -15.92 2.12
CA ILE A 209 -1.31 -14.81 3.07
C ILE A 209 -0.07 -14.81 3.95
N VAL A 210 0.61 -13.66 4.03
CA VAL A 210 1.85 -13.48 4.78
C VAL A 210 1.64 -12.37 5.82
N MET A 211 2.38 -12.44 6.93
CA MET A 211 2.22 -11.45 7.99
C MET A 211 3.56 -11.02 8.57
N ARG A 212 3.60 -9.76 9.08
CA ARG A 212 4.69 -9.23 9.88
C ARG A 212 4.09 -8.50 11.08
N ARG A 213 4.81 -8.48 12.21
CA ARG A 213 4.35 -7.90 13.46
C ARG A 213 5.33 -6.88 13.99
N SER A 214 4.81 -5.91 14.77
CA SER A 214 5.66 -4.94 15.44
C SER A 214 5.15 -4.71 16.85
N THR A 215 6.04 -4.80 17.83
CA THR A 215 5.69 -4.51 19.22
C THR A 215 6.27 -3.19 19.71
N ASP A 216 6.75 -2.33 18.81
CA ASP A 216 7.31 -1.04 19.19
C ASP A 216 6.77 0.07 18.30
N GLY A 217 5.49 -0.02 17.95
CA GLY A 217 4.84 1.04 17.20
C GLY A 217 5.27 1.19 15.76
N GLY A 218 5.80 0.13 15.16
CA GLY A 218 6.24 0.19 13.79
C GLY A 218 7.68 0.62 13.60
N LYS A 219 8.45 0.69 14.69
N LYS A 219 8.45 0.70 14.70
CA LYS A 219 9.88 1.01 14.57
CA LYS A 219 9.87 1.00 14.59
C LYS A 219 10.65 -0.17 13.97
C LYS A 219 10.64 -0.16 13.97
N SER A 220 10.32 -1.39 14.38
CA SER A 220 10.94 -2.59 13.84
C SER A 220 9.88 -3.67 13.67
N TRP A 221 10.12 -4.56 12.71
CA TRP A 221 9.14 -5.56 12.29
C TRP A 221 9.75 -6.95 12.26
N SER A 222 8.98 -7.94 12.70
CA SER A 222 9.39 -9.34 12.65
C SER A 222 9.60 -9.82 11.20
N ASP A 223 10.34 -10.92 11.07
CA ASP A 223 10.51 -11.53 9.76
C ASP A 223 9.16 -11.99 9.23
N PRO A 224 8.93 -11.87 7.93
CA PRO A 224 7.62 -12.26 7.40
C PRO A 224 7.36 -13.73 7.62
N ARG A 225 6.12 -14.06 7.94
N ARG A 225 6.13 -14.07 7.97
CA ARG A 225 5.74 -15.45 8.14
CA ARG A 225 5.72 -15.44 8.15
C ARG A 225 4.47 -15.73 7.34
C ARG A 225 4.47 -15.71 7.33
N ILE A 226 4.49 -16.82 6.58
CA ILE A 226 3.33 -17.27 5.82
C ILE A 226 2.34 -17.90 6.78
N ILE A 227 1.13 -17.38 6.88
N ILE A 227 1.16 -17.29 6.88
CA ILE A 227 0.20 -17.99 7.80
CA ILE A 227 0.09 -17.77 7.75
C ILE A 227 -0.92 -18.77 7.12
C ILE A 227 -0.76 -18.82 7.07
N VAL A 228 -1.13 -18.61 5.81
CA VAL A 228 -2.00 -19.50 5.04
C VAL A 228 -1.34 -19.71 3.69
N GLN A 229 -1.05 -20.96 3.35
CA GLN A 229 -0.30 -21.28 2.15
C GLN A 229 -1.24 -21.70 1.03
N GLY A 230 -1.15 -21.00 -0.10
CA GLY A 230 -1.82 -21.47 -1.29
C GLY A 230 -1.24 -22.78 -1.79
N GLU A 231 -2.10 -23.58 -2.41
CA GLU A 231 -1.76 -24.94 -2.80
C GLU A 231 -1.89 -25.19 -4.30
N GLY A 232 -1.96 -24.11 -5.09
CA GLY A 232 -2.04 -24.22 -6.53
C GLY A 232 -3.04 -23.25 -7.10
N ARG A 233 -3.14 -23.16 -8.41
CA ARG A 233 -4.22 -22.37 -8.98
C ARG A 233 -5.56 -22.94 -8.53
N ASN A 234 -6.50 -22.04 -8.25
CA ASN A 234 -7.83 -22.32 -7.69
C ASN A 234 -7.77 -22.77 -6.26
N HIS A 235 -6.59 -22.72 -5.63
N HIS A 235 -6.59 -22.71 -5.62
CA HIS A 235 -6.43 -23.19 -4.26
CA HIS A 235 -6.45 -23.18 -4.25
C HIS A 235 -5.54 -22.27 -3.45
C HIS A 235 -5.56 -22.25 -3.44
N GLY A 236 -5.48 -20.99 -3.85
CA GLY A 236 -4.81 -19.96 -3.07
C GLY A 236 -5.78 -19.24 -2.14
N PHE A 237 -5.25 -18.22 -1.47
CA PHE A 237 -5.92 -17.49 -0.41
C PHE A 237 -5.49 -16.03 -0.47
N GLY A 238 -6.39 -15.12 -0.11
CA GLY A 238 -6.03 -13.71 -0.11
C GLY A 238 -7.21 -12.83 0.27
N ASP A 239 -6.99 -11.51 0.14
CA ASP A 239 -7.97 -10.46 0.49
C ASP A 239 -8.35 -10.52 1.97
N VAL A 240 -7.35 -10.24 2.82
CA VAL A 240 -7.48 -10.30 4.27
C VAL A 240 -8.09 -9.02 4.84
N ALA A 241 -9.00 -9.17 5.80
CA ALA A 241 -9.43 -8.08 6.67
C ALA A 241 -9.31 -8.51 8.12
N LEU A 242 -8.99 -7.54 8.99
CA LEU A 242 -8.64 -7.79 10.39
C LEU A 242 -9.51 -6.97 11.34
N VAL A 243 -9.83 -7.56 12.51
CA VAL A 243 -10.32 -6.83 13.68
C VAL A 243 -9.72 -7.44 14.93
N GLN A 244 -9.85 -6.72 16.04
CA GLN A 244 -9.71 -7.29 17.36
C GLN A 244 -11.06 -7.20 18.06
N THR A 245 -11.52 -8.33 18.59
CA THR A 245 -12.82 -8.40 19.23
C THR A 245 -12.76 -7.77 20.62
N GLN A 246 -13.93 -7.52 21.20
CA GLN A 246 -13.98 -6.97 22.55
C GLN A 246 -13.32 -7.90 23.56
N ALA A 247 -13.41 -9.21 23.35
CA ALA A 247 -12.74 -10.14 24.26
C ALA A 247 -11.23 -10.12 24.07
N GLY A 248 -10.74 -9.56 22.97
CA GLY A 248 -9.32 -9.40 22.78
C GLY A 248 -8.70 -10.28 21.74
N LYS A 249 -9.43 -11.28 21.22
CA LYS A 249 -8.88 -12.13 20.17
C LYS A 249 -8.83 -11.37 18.85
N LEU A 250 -7.79 -11.61 18.07
CA LEU A 250 -7.73 -11.07 16.72
C LEU A 250 -8.46 -12.03 15.79
N LEU A 251 -9.06 -11.47 14.74
N LEU A 251 -9.08 -11.48 14.76
CA LEU A 251 -9.80 -12.27 13.78
CA LEU A 251 -9.81 -12.26 13.78
C LEU A 251 -9.39 -11.79 12.41
C LEU A 251 -9.39 -11.78 12.40
N MET A 252 -8.99 -12.71 11.53
CA MET A 252 -8.82 -12.40 10.12
C MET A 252 -9.92 -13.08 9.32
N ILE A 253 -10.38 -12.42 8.28
CA ILE A 253 -11.33 -12.98 7.34
C ILE A 253 -10.70 -12.86 5.95
N PHE A 254 -10.90 -13.87 5.12
CA PHE A 254 -10.25 -13.90 3.81
C PHE A 254 -11.02 -14.87 2.91
N VAL A 255 -10.72 -14.82 1.61
CA VAL A 255 -11.30 -15.76 0.66
C VAL A 255 -10.20 -16.67 0.13
N GLY A 256 -10.62 -17.76 -0.51
CA GLY A 256 -9.70 -18.63 -1.21
C GLY A 256 -10.42 -19.38 -2.29
N GLY A 257 -9.63 -19.88 -3.26
CA GLY A 257 -10.15 -20.77 -4.27
C GLY A 257 -10.23 -20.12 -5.64
N VAL A 258 -11.32 -20.37 -6.38
CA VAL A 258 -11.50 -19.81 -7.71
C VAL A 258 -11.67 -18.30 -7.65
N GLY A 259 -11.68 -17.65 -8.83
CA GLY A 259 -11.86 -16.22 -8.88
C GLY A 259 -13.29 -15.78 -8.58
N LEU A 260 -13.41 -14.51 -8.22
CA LEU A 260 -14.68 -13.91 -7.85
C LEU A 260 -15.78 -14.20 -8.86
N TRP A 261 -15.53 -13.91 -10.13
CA TRP A 261 -16.51 -14.10 -11.19
C TRP A 261 -16.63 -15.55 -11.67
N GLN A 262 -15.79 -16.46 -11.17
CA GLN A 262 -15.93 -17.88 -11.48
C GLN A 262 -16.70 -18.65 -10.41
N SER A 263 -16.81 -18.08 -9.22
CA SER A 263 -17.57 -18.67 -8.10
C SER A 263 -19.00 -18.99 -8.50
N THR A 264 -19.51 -20.13 -8.06
CA THR A 264 -20.90 -20.51 -8.29
C THR A 264 -21.45 -21.06 -6.99
N PRO A 265 -22.79 -21.17 -6.85
CA PRO A 265 -23.35 -21.69 -5.59
C PRO A 265 -22.81 -23.07 -5.23
N ASP A 266 -22.61 -23.94 -6.22
CA ASP A 266 -22.13 -25.30 -5.98
C ASP A 266 -20.61 -25.43 -5.99
N ARG A 267 -19.87 -24.49 -6.58
CA ARG A 267 -18.39 -24.47 -6.50
C ARG A 267 -17.94 -23.07 -6.13
N PRO A 268 -18.04 -22.70 -4.86
CA PRO A 268 -17.82 -21.31 -4.46
C PRO A 268 -16.35 -20.95 -4.28
N GLN A 269 -16.10 -19.65 -4.40
CA GLN A 269 -14.95 -19.04 -3.75
C GLN A 269 -15.32 -18.88 -2.29
N ARG A 270 -14.55 -19.47 -1.39
CA ARG A 270 -14.99 -19.61 0.00
C ARG A 270 -14.43 -18.48 0.85
N THR A 271 -15.16 -18.15 1.92
CA THR A 271 -14.73 -17.21 2.93
C THR A 271 -14.33 -17.98 4.18
N TYR A 272 -13.19 -17.64 4.76
CA TYR A 272 -12.66 -18.29 5.94
C TYR A 272 -12.39 -17.25 7.02
N ILE A 273 -12.43 -17.68 8.28
CA ILE A 273 -11.89 -16.90 9.38
C ILE A 273 -10.85 -17.71 10.12
N SER A 274 -9.89 -17.00 10.70
CA SER A 274 -8.88 -17.55 11.60
C SER A 274 -8.67 -16.54 12.72
N GLU A 275 -8.37 -17.03 13.92
CA GLU A 275 -8.27 -16.16 15.07
C GLU A 275 -6.92 -16.33 15.75
N SER A 276 -6.49 -15.27 16.46
CA SER A 276 -5.27 -15.29 17.26
C SER A 276 -5.60 -14.82 18.67
N ARG A 277 -5.13 -15.54 19.66
CA ARG A 277 -5.34 -15.18 21.06
C ARG A 277 -4.09 -14.60 21.70
N ASP A 278 -2.99 -14.50 20.98
CA ASP A 278 -1.68 -14.10 21.51
C ASP A 278 -1.06 -13.01 20.65
N GLU A 279 -1.86 -12.02 20.27
CA GLU A 279 -1.37 -10.82 19.60
C GLU A 279 -0.72 -11.15 18.25
N GLY A 280 -1.27 -12.15 17.56
CA GLY A 280 -0.87 -12.46 16.20
C GLY A 280 0.30 -13.43 16.06
N LEU A 281 0.79 -14.01 17.16
N LEU A 281 0.80 -13.97 17.17
CA LEU A 281 1.93 -14.91 17.08
CA LEU A 281 1.91 -14.92 17.10
C LEU A 281 1.54 -16.30 16.60
C LEU A 281 1.46 -16.23 16.46
N THR A 282 0.34 -16.76 16.93
CA THR A 282 -0.22 -18.01 16.44
C THR A 282 -1.64 -17.75 15.93
N TRP A 283 -2.08 -18.59 15.00
CA TRP A 283 -3.37 -18.45 14.32
C TRP A 283 -4.04 -19.80 14.20
N SER A 284 -5.35 -19.83 14.35
CA SER A 284 -6.12 -21.07 14.27
C SER A 284 -6.26 -21.50 12.82
N PRO A 285 -6.41 -22.79 12.57
CA PRO A 285 -6.65 -23.29 11.19
C PRO A 285 -7.86 -22.59 10.59
N PRO A 286 -7.79 -22.19 9.32
CA PRO A 286 -8.90 -21.41 8.75
C PRO A 286 -10.21 -22.18 8.76
N ARG A 287 -11.26 -21.52 9.22
CA ARG A 287 -12.58 -22.11 9.33
C ARG A 287 -13.45 -21.55 8.23
N ASP A 288 -14.04 -22.43 7.41
CA ASP A 288 -14.91 -22.05 6.31
C ASP A 288 -16.27 -21.58 6.85
N ILE A 289 -16.62 -20.32 6.61
CA ILE A 289 -17.92 -19.80 7.04
C ILE A 289 -18.80 -19.46 5.84
N THR A 290 -18.48 -20.00 4.66
CA THR A 290 -19.25 -19.72 3.46
C THR A 290 -20.73 -20.05 3.64
N HIS A 291 -21.03 -21.13 4.36
CA HIS A 291 -22.41 -21.55 4.56
C HIS A 291 -23.27 -20.51 5.30
N PHE A 292 -22.67 -19.62 6.09
CA PHE A 292 -23.48 -18.56 6.71
C PHE A 292 -23.89 -17.47 5.73
N ILE A 293 -23.23 -17.38 4.56
CA ILE A 293 -23.42 -16.27 3.62
C ILE A 293 -24.27 -16.67 2.40
N PHE A 294 -23.86 -17.70 1.65
CA PHE A 294 -24.50 -17.99 0.37
C PHE A 294 -24.22 -19.44 -0.03
N GLY A 295 -24.93 -19.89 -1.06
CA GLY A 295 -24.55 -21.10 -1.75
C GLY A 295 -25.29 -22.35 -1.30
N LYS A 296 -24.76 -23.47 -1.79
CA LYS A 296 -25.42 -24.77 -1.65
C LYS A 296 -25.69 -25.15 -0.19
N ASP A 297 -24.76 -24.85 0.71
CA ASP A 297 -24.91 -25.26 2.10
C ASP A 297 -25.57 -24.20 2.99
N CYS A 298 -25.96 -23.05 2.43
CA CYS A 298 -26.59 -21.98 3.20
C CYS A 298 -27.99 -22.39 3.67
N ALA A 299 -28.31 -22.03 4.92
CA ALA A 299 -29.62 -22.42 5.44
C ALA A 299 -30.75 -21.50 4.98
N ASP A 300 -30.44 -20.32 4.43
CA ASP A 300 -31.45 -19.41 3.91
C ASP A 300 -31.67 -19.75 2.45
N PRO A 301 -32.84 -20.29 2.06
CA PRO A 301 -33.06 -20.66 0.66
C PRO A 301 -32.93 -19.49 -0.30
N GLY A 302 -33.26 -18.28 0.13
CA GLY A 302 -33.12 -17.11 -0.71
C GLY A 302 -31.69 -16.78 -1.09
N ARG A 303 -30.71 -17.32 -0.38
CA ARG A 303 -29.31 -17.01 -0.64
C ARG A 303 -28.55 -18.22 -1.15
N SER A 304 -29.20 -19.37 -1.23
CA SER A 304 -28.51 -20.57 -1.66
C SER A 304 -28.16 -20.55 -3.14
N ARG A 305 -28.76 -19.65 -3.92
CA ARG A 305 -28.42 -19.47 -5.33
C ARG A 305 -27.57 -18.24 -5.59
N TRP A 306 -27.18 -17.52 -4.54
CA TRP A 306 -26.17 -16.49 -4.70
C TRP A 306 -24.84 -17.15 -5.08
N LEU A 307 -23.99 -16.41 -5.80
CA LEU A 307 -22.86 -16.99 -6.50
C LEU A 307 -21.51 -16.74 -5.85
N ALA A 308 -21.33 -15.60 -5.20
CA ALA A 308 -20.01 -15.17 -4.71
C ALA A 308 -20.18 -14.15 -3.60
N SER A 309 -19.17 -14.08 -2.73
CA SER A 309 -19.11 -13.10 -1.65
C SER A 309 -17.68 -12.90 -1.25
N PHE A 310 -17.30 -11.64 -0.98
CA PHE A 310 -16.00 -11.38 -0.38
C PHE A 310 -16.06 -10.10 0.43
N CYS A 311 -15.42 -10.14 1.59
CA CYS A 311 -15.28 -8.97 2.45
C CYS A 311 -14.12 -8.12 1.96
N ALA A 312 -14.27 -6.81 2.13
CA ALA A 312 -13.25 -5.90 1.63
C ALA A 312 -11.98 -6.07 2.44
N SER A 313 -10.84 -6.11 1.75
CA SER A 313 -9.57 -6.25 2.43
C SER A 313 -9.26 -4.99 3.24
N GLY A 314 -8.62 -5.20 4.39
CA GLY A 314 -8.14 -4.14 5.24
C GLY A 314 -8.60 -4.44 6.64
N GLN A 315 -9.58 -3.66 7.13
CA GLN A 315 -10.11 -3.79 8.48
C GLN A 315 -11.63 -3.85 8.45
N GLY A 316 -12.19 -4.56 9.43
CA GLY A 316 -13.61 -4.45 9.75
C GLY A 316 -13.86 -3.41 10.84
N LEU A 317 -14.96 -3.60 11.56
CA LEU A 317 -15.31 -2.68 12.64
C LEU A 317 -15.97 -3.48 13.76
N VAL A 318 -15.48 -3.29 14.98
CA VAL A 318 -16.13 -3.84 16.17
C VAL A 318 -16.88 -2.69 16.86
N LEU A 319 -18.22 -2.79 16.91
CA LEU A 319 -19.04 -1.74 17.45
C LEU A 319 -18.98 -1.73 18.97
N PRO A 320 -19.37 -0.59 19.60
CA PRO A 320 -19.36 -0.52 21.06
C PRO A 320 -20.11 -1.66 21.75
N SER A 321 -21.14 -2.22 21.10
CA SER A 321 -21.85 -3.37 21.66
C SER A 321 -21.01 -4.65 21.66
N GLY A 322 -19.93 -4.70 20.90
CA GLY A 322 -19.19 -5.92 20.71
C GLY A 322 -19.52 -6.67 19.43
N ARG A 323 -20.53 -6.22 18.68
CA ARG A 323 -20.84 -6.78 17.39
C ARG A 323 -19.66 -6.62 16.43
N ILE A 324 -19.26 -7.71 15.78
CA ILE A 324 -18.15 -7.71 14.84
C ILE A 324 -18.73 -7.57 13.44
N THR A 325 -18.21 -6.64 12.64
CA THR A 325 -18.75 -6.41 11.31
C THR A 325 -17.65 -6.31 10.27
N PHE A 326 -17.98 -6.80 9.06
CA PHE A 326 -17.24 -6.66 7.82
C PHE A 326 -18.28 -6.48 6.73
N VAL A 327 -18.02 -5.63 5.74
CA VAL A 327 -18.96 -5.51 4.63
C VAL A 327 -18.60 -6.53 3.55
N ALA A 328 -19.55 -7.36 3.19
CA ALA A 328 -19.41 -8.27 2.07
C ALA A 328 -20.01 -7.66 0.81
N ALA A 329 -19.34 -7.90 -0.32
CA ALA A 329 -19.87 -7.58 -1.64
C ALA A 329 -20.24 -8.89 -2.30
N ILE A 330 -21.51 -9.03 -2.66
CA ILE A 330 -22.10 -10.34 -2.98
C ILE A 330 -22.62 -10.33 -4.39
N ARG A 331 -22.36 -11.43 -5.12
CA ARG A 331 -22.87 -11.59 -6.48
C ARG A 331 -24.16 -12.37 -6.43
N GLU A 332 -25.28 -11.71 -6.76
CA GLU A 332 -26.58 -12.35 -6.66
C GLU A 332 -27.03 -13.00 -7.97
N SER A 333 -26.47 -12.63 -9.11
CA SER A 333 -26.95 -13.21 -10.36
C SER A 333 -25.80 -13.48 -11.32
N GLY A 334 -25.87 -14.64 -12.00
CA GLY A 334 -24.82 -15.02 -12.94
C GLY A 334 -24.91 -14.34 -14.29
N GLN A 335 -25.97 -13.59 -14.53
CA GLN A 335 -26.15 -12.92 -15.80
C GLN A 335 -25.40 -11.60 -15.89
N GLU A 336 -24.94 -11.06 -14.76
CA GLU A 336 -24.37 -9.73 -14.72
C GLU A 336 -23.14 -9.74 -13.82
N TYR A 337 -22.21 -8.84 -14.13
CA TYR A 337 -21.01 -8.64 -13.34
C TYR A 337 -21.26 -7.50 -12.35
N VAL A 338 -22.14 -7.77 -11.38
CA VAL A 338 -22.64 -6.75 -10.47
C VAL A 338 -22.66 -7.32 -9.06
N LEU A 339 -22.27 -6.49 -8.09
CA LEU A 339 -22.23 -6.88 -6.68
C LEU A 339 -23.16 -6.00 -5.84
N ASN A 340 -23.71 -6.56 -4.76
CA ASN A 340 -24.49 -5.79 -3.79
C ASN A 340 -23.87 -5.96 -2.40
N ASN A 341 -23.89 -4.89 -1.60
CA ASN A 341 -23.27 -4.92 -0.29
C ASN A 341 -24.24 -5.33 0.80
N TYR A 342 -23.75 -6.18 1.70
CA TYR A 342 -24.45 -6.62 2.90
C TYR A 342 -23.41 -6.65 4.01
N VAL A 343 -23.79 -6.24 5.22
CA VAL A 343 -22.90 -6.36 6.36
C VAL A 343 -22.95 -7.79 6.90
N LEU A 344 -21.78 -8.42 6.99
CA LEU A 344 -21.61 -9.71 7.63
C LEU A 344 -21.24 -9.47 9.09
N TYR A 345 -21.99 -10.05 10.03
CA TYR A 345 -21.77 -9.65 11.41
C TYR A 345 -21.96 -10.82 12.37
N SER A 346 -21.31 -10.72 13.52
CA SER A 346 -21.41 -11.74 14.57
C SER A 346 -21.63 -11.06 15.91
N ASP A 347 -22.56 -11.59 16.69
CA ASP A 347 -22.83 -11.13 18.03
C ASP A 347 -22.33 -12.13 19.06
N ASP A 348 -21.63 -13.17 18.65
CA ASP A 348 -21.10 -14.16 19.57
C ASP A 348 -19.63 -14.44 19.30
N GLU A 349 -18.86 -13.38 19.07
CA GLU A 349 -17.39 -13.46 18.98
C GLU A 349 -16.92 -14.38 17.85
N GLY A 350 -17.74 -14.50 16.81
CA GLY A 350 -17.35 -15.24 15.63
C GLY A 350 -17.88 -16.65 15.54
N ASP A 351 -18.63 -17.11 16.53
CA ASP A 351 -19.18 -18.46 16.48
C ASP A 351 -20.18 -18.62 15.34
N THR A 352 -21.11 -17.68 15.20
CA THR A 352 -22.06 -17.70 14.11
C THR A 352 -22.07 -16.35 13.42
N TRP A 353 -22.54 -16.32 12.17
CA TRP A 353 -22.52 -15.10 11.37
C TRP A 353 -23.88 -14.90 10.68
N GLN A 354 -24.29 -13.64 10.58
CA GLN A 354 -25.54 -13.26 9.94
C GLN A 354 -25.28 -12.14 8.96
N LEU A 355 -26.27 -11.87 8.11
CA LEU A 355 -26.19 -10.82 7.11
C LEU A 355 -27.22 -9.76 7.46
N SER A 356 -26.84 -8.49 7.30
CA SER A 356 -27.79 -7.39 7.38
C SER A 356 -28.76 -7.41 6.18
N ASP A 357 -29.65 -6.43 6.15
CA ASP A 357 -30.38 -6.13 4.93
C ASP A 357 -29.42 -5.49 3.93
N CYS A 358 -29.81 -5.52 2.66
CA CYS A 358 -28.95 -4.97 1.62
C CYS A 358 -28.61 -3.53 1.92
N ALA A 359 -27.34 -3.20 1.83
CA ALA A 359 -26.84 -1.88 2.18
C ALA A 359 -26.55 -1.02 0.98
N TYR A 360 -26.24 -1.62 -0.17
CA TYR A 360 -25.92 -0.84 -1.36
C TYR A 360 -26.11 -1.71 -2.61
N ARG A 361 -26.83 -1.17 -3.58
N ARG A 361 -26.85 -1.19 -3.58
CA ARG A 361 -27.02 -1.83 -4.87
CA ARG A 361 -27.03 -1.87 -4.86
C ARG A 361 -25.92 -1.40 -5.83
C ARG A 361 -25.92 -1.45 -5.81
N ARG A 362 -25.36 -2.37 -6.56
N ARG A 362 -25.36 -2.43 -6.53
CA ARG A 362 -24.25 -2.12 -7.49
CA ARG A 362 -24.26 -2.19 -7.47
C ARG A 362 -23.05 -1.53 -6.73
C ARG A 362 -23.07 -1.55 -6.74
N GLY A 363 -22.71 -2.14 -5.60
CA GLY A 363 -21.57 -1.70 -4.82
C GLY A 363 -20.33 -2.52 -5.14
N ASP A 364 -19.29 -2.31 -4.34
CA ASP A 364 -18.07 -3.09 -4.42
C ASP A 364 -17.41 -3.07 -3.04
N GLU A 365 -16.09 -3.25 -2.94
CA GLU A 365 -15.42 -3.22 -1.64
C GLU A 365 -15.91 -2.05 -0.82
N ALA A 366 -16.43 -2.32 0.39
CA ALA A 366 -16.95 -1.27 1.26
C ALA A 366 -16.35 -1.34 2.68
N LYS A 367 -16.24 -0.18 3.32
CA LYS A 367 -15.68 -0.07 4.67
C LYS A 367 -16.66 0.60 5.62
N LEU A 368 -16.40 0.45 6.93
CA LEU A 368 -17.26 0.96 7.98
C LEU A 368 -16.47 1.81 8.98
N SER A 369 -17.13 2.81 9.54
CA SER A 369 -16.53 3.52 10.66
C SER A 369 -17.64 4.07 11.55
N LEU A 370 -17.27 4.41 12.77
CA LEU A 370 -18.24 4.77 13.80
C LEU A 370 -18.34 6.29 13.89
N MET A 371 -19.52 6.80 13.59
CA MET A 371 -19.88 8.21 13.75
C MET A 371 -19.76 8.63 15.23
N PRO A 372 -19.48 9.91 15.50
CA PRO A 372 -19.52 10.37 16.90
C PRO A 372 -20.83 10.09 17.62
N ASP A 373 -21.98 10.18 16.94
CA ASP A 373 -23.26 9.94 17.61
C ASP A 373 -23.65 8.45 17.67
N GLY A 374 -22.79 7.53 17.25
CA GLY A 374 -23.09 6.12 17.34
C GLY A 374 -23.61 5.47 16.07
N ARG A 375 -24.00 6.25 15.06
CA ARG A 375 -24.40 5.69 13.78
C ARG A 375 -23.16 5.10 13.09
N VAL A 376 -23.40 4.25 12.08
CA VAL A 376 -22.33 3.61 11.32
C VAL A 376 -22.30 4.18 9.91
N LEU A 377 -21.13 4.62 9.48
CA LEU A 377 -20.93 5.15 8.14
C LEU A 377 -20.27 4.07 7.27
N MET A 378 -20.83 3.83 6.08
CA MET A 378 -20.28 2.94 5.08
C MET A 378 -19.77 3.74 3.88
N SER A 379 -18.54 3.42 3.46
CA SER A 379 -17.90 3.98 2.27
C SER A 379 -17.79 2.85 1.25
N ILE A 380 -18.36 3.04 0.06
CA ILE A 380 -18.47 1.98 -0.95
C ILE A 380 -17.66 2.35 -2.19
N ARG A 381 -16.77 1.45 -2.62
CA ARG A 381 -16.00 1.70 -3.83
C ARG A 381 -16.95 1.82 -5.04
N ASN A 382 -16.67 2.79 -5.90
CA ASN A 382 -17.40 2.99 -7.15
C ASN A 382 -16.74 2.16 -8.23
N GLN A 383 -17.37 1.04 -8.59
CA GLN A 383 -16.85 0.12 -9.59
C GLN A 383 -17.62 0.26 -10.90
N GLY A 384 -16.90 0.44 -12.00
CA GLY A 384 -17.52 0.61 -13.29
C GLY A 384 -17.85 2.04 -13.66
N ARG A 385 -17.22 3.01 -12.99
CA ARG A 385 -17.36 4.43 -13.34
C ARG A 385 -18.83 4.86 -13.36
N GLN A 386 -19.56 4.48 -12.32
CA GLN A 386 -20.97 4.84 -12.23
C GLN A 386 -21.13 6.34 -11.90
N GLU A 387 -22.30 6.86 -12.27
CA GLU A 387 -22.73 8.22 -11.93
C GLU A 387 -21.66 9.25 -12.25
N SER A 388 -21.21 9.99 -11.25
CA SER A 388 -20.21 11.05 -11.43
C SER A 388 -18.83 10.60 -11.04
N ARG A 389 -18.62 9.28 -10.93
CA ARG A 389 -17.33 8.70 -10.60
C ARG A 389 -16.91 9.11 -9.19
N GLN A 390 -17.89 9.30 -8.32
CA GLN A 390 -17.67 9.69 -6.94
C GLN A 390 -17.71 8.46 -6.05
N ARG A 391 -17.05 8.57 -4.91
CA ARG A 391 -17.17 7.56 -3.88
C ARG A 391 -18.60 7.55 -3.32
N PHE A 392 -19.13 6.36 -3.03
CA PHE A 392 -20.48 6.22 -2.48
C PHE A 392 -20.44 6.05 -0.97
N PHE A 393 -21.50 6.54 -0.30
CA PHE A 393 -21.63 6.46 1.16
C PHE A 393 -23.05 6.10 1.58
N ALA A 394 -23.16 5.45 2.76
CA ALA A 394 -24.44 5.04 3.33
C ALA A 394 -24.38 5.10 4.85
N LEU A 395 -25.56 5.19 5.48
CA LEU A 395 -25.66 5.33 6.93
C LEU A 395 -26.64 4.34 7.54
N SER A 396 -26.31 3.90 8.75
CA SER A 396 -27.14 2.99 9.54
C SER A 396 -27.22 3.52 10.97
N SER A 397 -28.43 3.56 11.53
CA SER A 397 -28.58 3.97 12.93
C SER A 397 -28.97 2.81 13.84
N ASP A 398 -28.99 1.58 13.33
CA ASP A 398 -29.33 0.43 14.16
C ASP A 398 -28.18 -0.57 14.17
N ASP A 399 -26.95 -0.06 14.29
CA ASP A 399 -25.75 -0.91 14.44
C ASP A 399 -25.58 -1.87 13.26
N GLY A 400 -25.94 -1.40 12.06
CA GLY A 400 -25.55 -2.07 10.84
C GLY A 400 -26.60 -2.94 10.18
N LEU A 401 -27.82 -2.99 10.73
CA LEU A 401 -28.83 -3.92 10.24
C LEU A 401 -29.55 -3.37 9.01
N THR A 402 -29.83 -2.08 8.99
CA THR A 402 -30.49 -1.46 7.85
C THR A 402 -29.76 -0.17 7.52
N TRP A 403 -29.93 0.28 6.27
CA TRP A 403 -29.05 1.27 5.67
C TRP A 403 -29.86 2.20 4.79
N GLU A 404 -29.41 3.44 4.65
CA GLU A 404 -29.90 4.36 3.63
C GLU A 404 -28.73 5.08 2.98
N ARG A 405 -28.90 5.40 1.70
CA ARG A 405 -27.83 6.08 1.00
C ARG A 405 -27.62 7.46 1.61
N ALA A 406 -26.36 7.91 1.61
CA ALA A 406 -25.99 9.15 2.29
C ALA A 406 -25.25 10.03 1.29
N LYS A 407 -26.01 10.66 0.40
CA LYS A 407 -25.38 11.49 -0.61
C LYS A 407 -24.70 12.72 -0.03
N GLN A 408 -25.06 13.14 1.20
CA GLN A 408 -24.45 14.33 1.77
C GLN A 408 -22.97 14.10 2.09
N PHE A 409 -22.52 12.85 2.11
CA PHE A 409 -21.11 12.52 2.32
C PHE A 409 -20.35 12.41 1.01
N GLU A 410 -21.04 12.40 -0.12
CA GLU A 410 -20.34 12.26 -1.38
C GLU A 410 -19.69 13.59 -1.71
N GLY A 411 -18.56 13.53 -2.40
CA GLY A 411 -17.85 14.74 -2.73
C GLY A 411 -16.42 14.52 -3.13
N ILE A 412 -15.94 13.28 -3.03
CA ILE A 412 -14.58 12.92 -3.45
C ILE A 412 -14.67 11.92 -4.60
N HIS A 413 -13.72 12.06 -5.52
CA HIS A 413 -13.60 11.15 -6.65
C HIS A 413 -13.15 9.77 -6.19
N ASP A 414 -13.70 8.72 -6.82
CA ASP A 414 -13.18 7.37 -6.64
C ASP A 414 -12.83 6.80 -8.00
N PRO A 415 -11.55 6.57 -8.33
CA PRO A 415 -11.22 5.96 -9.61
C PRO A 415 -11.51 4.47 -9.66
N GLY A 416 -12.02 3.91 -8.57
CA GLY A 416 -12.43 2.52 -8.52
C GLY A 416 -11.43 1.74 -7.71
N CYS A 417 -11.29 2.08 -6.43
CA CYS A 417 -10.21 1.49 -5.64
C CYS A 417 -10.65 1.31 -4.20
N ASN A 418 -10.04 0.32 -3.53
CA ASN A 418 -10.22 0.16 -2.09
C ASN A 418 -9.52 1.28 -1.33
N GLY A 419 -10.12 1.68 -0.22
CA GLY A 419 -9.52 2.67 0.66
C GLY A 419 -10.01 2.50 2.07
N ALA A 420 -9.81 3.50 2.92
CA ALA A 420 -9.99 3.31 4.36
C ALA A 420 -10.42 4.63 4.99
N MET A 421 -11.09 4.53 6.15
CA MET A 421 -11.46 5.73 6.91
C MET A 421 -11.03 5.63 8.36
N LEU A 422 -10.82 6.80 8.97
CA LEU A 422 -10.57 6.93 10.39
C LEU A 422 -11.39 8.10 10.92
N GLN A 423 -12.10 7.89 12.01
CA GLN A 423 -12.78 8.99 12.67
C GLN A 423 -11.79 9.71 13.58
N VAL A 424 -11.60 11.00 13.32
CA VAL A 424 -10.57 11.78 14.00
C VAL A 424 -11.19 13.07 14.50
N LYS A 425 -10.53 13.66 15.49
CA LYS A 425 -10.91 14.96 16.00
C LYS A 425 -9.74 15.91 15.77
N ARG A 426 -10.03 17.06 15.19
CA ARG A 426 -8.98 18.02 14.88
C ARG A 426 -9.50 19.40 15.26
N ASN A 427 -8.78 20.10 16.14
CA ASN A 427 -9.14 21.43 16.61
C ASN A 427 -10.56 21.46 17.18
N GLY A 428 -10.93 20.39 17.87
CA GLY A 428 -12.26 20.30 18.46
C GLY A 428 -13.36 19.88 17.53
N ARG A 429 -13.05 19.54 16.28
CA ARG A 429 -14.05 19.23 15.27
C ARG A 429 -13.99 17.76 14.89
N ASP A 430 -15.13 17.07 14.98
CA ASP A 430 -15.17 15.69 14.54
C ASP A 430 -15.07 15.61 13.03
N GLN A 431 -14.20 14.73 12.54
CA GLN A 431 -13.94 14.64 11.10
C GLN A 431 -13.62 13.20 10.75
N VAL A 432 -13.76 12.87 9.47
N VAL A 432 -13.73 12.89 9.46
CA VAL A 432 -13.36 11.55 8.98
CA VAL A 432 -13.39 11.56 8.95
C VAL A 432 -12.21 11.72 8.01
C VAL A 432 -12.21 11.72 8.00
N LEU A 433 -11.12 11.01 8.27
CA LEU A 433 -10.01 10.90 7.33
C LEU A 433 -10.31 9.75 6.37
N HIS A 434 -10.16 10.00 5.06
CA HIS A 434 -10.41 8.98 4.06
C HIS A 434 -9.21 8.88 3.12
N SER A 435 -8.70 7.67 2.91
CA SER A 435 -7.60 7.47 1.98
C SER A 435 -8.11 6.90 0.67
N LEU A 436 -7.62 7.44 -0.45
CA LEU A 436 -7.98 6.99 -1.79
C LEU A 436 -6.90 7.48 -2.75
N PRO A 437 -6.74 6.85 -3.91
CA PRO A 437 -5.92 7.48 -4.95
C PRO A 437 -6.63 8.68 -5.54
N LEU A 438 -5.87 9.74 -5.78
CA LEU A 438 -6.44 10.96 -6.33
C LEU A 438 -6.78 10.81 -7.81
N GLY A 439 -6.02 10.00 -8.53
CA GLY A 439 -6.22 9.90 -9.95
C GLY A 439 -5.83 11.21 -10.62
N PRO A 440 -6.71 11.73 -11.49
CA PRO A 440 -8.07 11.30 -11.76
C PRO A 440 -8.15 10.09 -12.69
N ASP A 441 -9.11 9.20 -12.40
CA ASP A 441 -9.47 8.09 -13.28
C ASP A 441 -8.33 7.09 -13.45
N GLY A 442 -7.38 7.07 -12.52
CA GLY A 442 -6.31 6.08 -12.51
C GLY A 442 -5.82 5.91 -11.08
N ARG A 443 -5.08 4.82 -10.86
CA ARG A 443 -4.54 4.53 -9.54
C ARG A 443 -3.20 5.25 -9.42
N ARG A 444 -3.28 6.55 -9.10
CA ARG A 444 -2.13 7.43 -9.01
C ARG A 444 -2.32 8.44 -7.88
N ASP A 445 -1.20 8.77 -7.24
CA ASP A 445 -1.11 9.77 -6.18
C ASP A 445 -2.02 9.42 -5.03
N GLY A 446 -1.55 8.52 -4.16
CA GLY A 446 -2.21 8.19 -2.90
C GLY A 446 -2.46 9.43 -2.06
N ALA A 447 -3.72 9.65 -1.70
CA ALA A 447 -4.12 10.89 -1.06
C ALA A 447 -4.96 10.60 0.18
N VAL A 448 -5.03 11.59 1.05
CA VAL A 448 -6.02 11.59 2.13
C VAL A 448 -6.84 12.87 2.04
N TYR A 449 -8.09 12.76 2.49
CA TYR A 449 -9.03 13.87 2.63
C TYR A 449 -9.61 13.88 4.03
N LEU A 450 -10.04 15.06 4.47
CA LEU A 450 -10.79 15.19 5.71
C LEU A 450 -12.20 15.69 5.38
N PHE A 451 -13.21 15.03 5.91
CA PHE A 451 -14.60 15.45 5.80
C PHE A 451 -15.05 16.01 7.14
N ASP A 452 -15.53 17.24 7.13
CA ASP A 452 -16.03 17.90 8.34
C ASP A 452 -17.50 17.55 8.54
N HIS A 453 -17.80 16.83 9.63
CA HIS A 453 -19.16 16.39 9.92
C HIS A 453 -20.13 17.55 9.99
N VAL A 454 -19.71 18.65 10.58
CA VAL A 454 -20.65 19.70 10.92
C VAL A 454 -20.98 20.55 9.71
N SER A 455 -19.97 20.93 8.92
CA SER A 455 -20.21 21.68 7.70
C SER A 455 -20.62 20.81 6.51
N GLY A 456 -20.45 19.50 6.59
CA GLY A 456 -20.70 18.60 5.48
C GLY A 456 -19.79 18.75 4.27
N ARG A 457 -18.53 19.12 4.46
CA ARG A 457 -17.63 19.45 3.36
C ARG A 457 -16.30 18.70 3.48
N TRP A 458 -15.73 18.37 2.32
CA TRP A 458 -14.45 17.68 2.22
C TRP A 458 -13.33 18.69 2.03
N SER A 459 -12.15 18.37 2.57
CA SER A 459 -10.97 19.17 2.32
C SER A 459 -10.43 18.92 0.92
N ALA A 460 -9.55 19.80 0.46
CA ALA A 460 -8.69 19.43 -0.66
C ALA A 460 -7.88 18.18 -0.30
N PRO A 461 -7.60 17.32 -1.28
CA PRO A 461 -6.75 16.16 -1.00
C PRO A 461 -5.35 16.59 -0.64
N VAL A 462 -4.68 15.78 0.16
CA VAL A 462 -3.25 15.91 0.37
C VAL A 462 -2.60 14.63 -0.12
N VAL A 463 -1.67 14.74 -1.06
CA VAL A 463 -0.99 13.56 -1.60
C VAL A 463 0.06 13.09 -0.60
N VAL A 464 -0.08 11.85 -0.15
CA VAL A 464 0.87 11.24 0.76
C VAL A 464 2.03 10.62 -0.02
N ASN A 465 1.74 9.89 -1.10
CA ASN A 465 2.77 9.23 -1.90
C ASN A 465 2.43 9.40 -3.38
N SER A 466 3.19 10.23 -4.08
CA SER A 466 2.92 10.44 -5.49
C SER A 466 3.33 9.20 -6.30
N GLY A 467 2.91 9.16 -7.55
CA GLY A 467 3.20 8.02 -8.37
C GLY A 467 2.06 7.01 -8.34
N SER A 468 2.35 5.83 -8.89
CA SER A 468 1.39 4.74 -8.84
C SER A 468 1.02 4.43 -7.41
N SER A 469 -0.29 4.36 -7.15
CA SER A 469 -0.78 4.19 -5.80
C SER A 469 -2.17 3.59 -5.86
N ALA A 470 -2.41 2.57 -5.04
CA ALA A 470 -3.64 1.79 -5.12
C ALA A 470 -4.28 1.62 -3.75
N TYR A 471 -4.43 0.37 -3.32
CA TYR A 471 -5.13 0.08 -2.08
C TYR A 471 -4.39 0.70 -0.91
N SER A 472 -5.16 1.14 0.09
CA SER A 472 -4.60 1.65 1.33
C SER A 472 -5.47 1.26 2.52
N ASP A 473 -4.80 1.05 3.65
CA ASP A 473 -5.42 0.83 4.96
C ASP A 473 -4.78 1.82 5.93
N MET A 474 -5.51 2.18 6.99
CA MET A 474 -5.12 3.22 7.95
C MET A 474 -5.46 2.73 9.35
N THR A 475 -4.64 3.10 10.33
CA THR A 475 -4.95 2.82 11.73
C THR A 475 -4.45 3.98 12.59
N LEU A 476 -5.10 4.17 13.73
CA LEU A 476 -4.64 5.13 14.73
C LEU A 476 -3.72 4.42 15.72
N LEU A 477 -2.56 5.01 15.95
CA LEU A 477 -1.66 4.49 16.98
C LEU A 477 -2.01 5.12 18.33
N ALA A 478 -1.50 4.51 19.40
CA ALA A 478 -1.93 4.90 20.74
C ALA A 478 -1.63 6.36 21.01
N ASP A 479 -0.51 6.87 20.48
CA ASP A 479 -0.04 8.20 20.78
C ASP A 479 -0.50 9.25 19.77
N GLY A 480 -1.54 8.94 19.00
CA GLY A 480 -2.11 9.91 18.08
C GLY A 480 -1.49 9.95 16.69
N THR A 481 -0.43 9.19 16.44
CA THR A 481 0.07 9.11 15.07
C THR A 481 -0.86 8.25 14.23
N ILE A 482 -0.85 8.48 12.94
CA ILE A 482 -1.61 7.66 12.00
C ILE A 482 -0.65 6.72 11.27
N GLY A 483 -1.04 5.45 11.17
CA GLY A 483 -0.32 4.49 10.36
C GLY A 483 -1.04 4.23 9.04
N TYR A 484 -0.34 4.50 7.95
CA TYR A 484 -0.91 4.45 6.60
C TYR A 484 -0.15 3.40 5.79
N PHE A 485 -0.87 2.41 5.26
CA PHE A 485 -0.29 1.20 4.69
C PHE A 485 -0.79 1.09 3.25
N VAL A 486 0.06 1.42 2.28
CA VAL A 486 -0.35 1.68 0.91
C VAL A 486 0.42 0.84 -0.11
N GLU A 487 -0.24 0.52 -1.23
CA GLU A 487 0.36 -0.07 -2.43
C GLU A 487 1.04 1.02 -3.25
N GLU A 488 2.37 1.00 -3.28
CA GLU A 488 3.18 1.95 -4.04
C GLU A 488 3.80 1.25 -5.25
N GLY A 489 3.75 1.89 -6.42
CA GLY A 489 4.46 1.43 -7.60
C GLY A 489 3.58 0.60 -8.52
N ASP A 490 4.01 0.46 -9.78
N ASP A 490 4.03 0.46 -9.78
CA ASP A 490 3.30 -0.42 -10.70
CA ASP A 490 3.31 -0.42 -10.71
C ASP A 490 3.56 -1.88 -10.35
C ASP A 490 3.55 -1.88 -10.35
N GLU A 491 4.82 -2.22 -10.10
N GLU A 491 4.81 -2.23 -10.11
CA GLU A 491 5.15 -3.46 -9.39
CA GLU A 491 5.15 -3.46 -9.39
C GLU A 491 5.13 -3.10 -7.91
C GLU A 491 5.13 -3.10 -7.91
N ILE A 492 4.12 -3.57 -7.19
CA ILE A 492 3.74 -2.99 -5.90
C ILE A 492 4.66 -3.44 -4.78
N SER A 493 5.06 -2.46 -3.94
CA SER A 493 5.56 -2.68 -2.59
C SER A 493 4.54 -2.14 -1.60
N LEU A 494 4.36 -2.84 -0.49
CA LEU A 494 3.46 -2.40 0.56
C LEU A 494 4.27 -1.56 1.56
N VAL A 495 3.89 -0.29 1.72
CA VAL A 495 4.69 0.69 2.44
C VAL A 495 3.90 1.19 3.64
N PHE A 496 4.56 1.24 4.81
CA PHE A 496 3.94 1.70 6.05
C PHE A 496 4.48 3.08 6.37
N ILE A 497 3.59 4.07 6.39
CA ILE A 497 3.97 5.46 6.62
C ILE A 497 3.25 5.94 7.89
N ARG A 498 3.97 6.75 8.69
CA ARG A 498 3.48 7.28 9.96
C ARG A 498 3.59 8.80 9.93
N PHE A 499 2.51 9.47 10.31
CA PHE A 499 2.46 10.93 10.35
C PHE A 499 1.41 11.34 11.37
N VAL A 500 1.45 12.60 11.80
CA VAL A 500 0.31 13.19 12.50
C VAL A 500 -0.46 14.07 11.52
N LEU A 501 -1.73 14.35 11.84
CA LEU A 501 -2.58 15.06 10.89
C LEU A 501 -2.03 16.45 10.56
N ASP A 502 -1.45 17.13 11.55
CA ASP A 502 -0.87 18.45 11.30
C ASP A 502 0.29 18.41 10.31
N ASP A 503 1.00 17.28 10.19
CA ASP A 503 2.08 17.18 9.22
C ASP A 503 1.57 17.33 7.80
N LEU A 504 0.34 16.93 7.54
CA LEU A 504 -0.27 16.95 6.21
C LEU A 504 -1.16 18.15 5.97
N PHE A 505 -1.92 18.57 6.97
CA PHE A 505 -2.97 19.56 6.76
C PHE A 505 -2.64 20.94 7.29
N ASP A 506 -2.21 21.06 8.53
CA ASP A 506 -1.92 22.39 9.08
C ASP A 506 -0.43 22.55 9.33
#